data_5W8R
#
_entry.id   5W8R
#
_cell.length_a   48.024
_cell.length_b   72.944
_cell.length_c   65.546
_cell.angle_alpha   90.00
_cell.angle_beta   99.30
_cell.angle_gamma   90.00
#
_symmetry.space_group_name_H-M   'P 1 21 1'
#
loop_
_entity.id
_entity.type
_entity.pdbx_description
1 polymer 'Calmodulin-domain protein kinase 1'
2 non-polymer 1-tert-butyl-3-[(3-chlorophenyl)methyl]-1H-pyrazolo[3,4-d]pyrimidin-4-amine
3 non-polymer 'CALCIUM ION'
4 water water
#
_entity_poly.entity_id   1
_entity_poly.type   'polypeptide(L)'
_entity_poly.pdbx_seq_one_letter_code
;GPGSMMDHLHATPGMFVQHSTAIFSDRYKGQRVLGKGSFGEVILCKDKITGQECAVKVISKRQVKQKTDKESLLREVQLL
KQLDHPNIMKLYEFFEDKGYFYLVGEVYTGGELFDEIISRKRFSEVDAARIIRQVLSGITYMHKNKIVHRDLKPENLLLE
SKSKDANIRIIDFGLSTHFEASKKMKDKIGTAYYIAPEVLHGTYDEKCDVWSTGVILYILLSGCPPFNGANEYDILKKVE
KGKYTFELPQWKKVSESAKDLIRKMLTYVPSMRISARDALDHEWIQTYTKEQISVDVPSLDNAILNIRQFQGTQKLAQAA
LLYMGSKLTSQDETKELTAIFHKMDKNGDGQLDRAELIEGYKELMRMKGQDASMLDASAVEHEVDQVLDAVDFDKNGYIE
YSEFVTVAMDRKTLLSRERLERAFRMFDSDNSGKISSTELATIFGVSDVDSETWKSVLSEVDKNNDGEVDFDEFQQMLLK
LCGN
;
_entity_poly.pdbx_strand_id   A
#
# COMPACT_ATOMS: atom_id res chain seq x y z
N THR A 21 -22.64 -0.25 19.86
CA THR A 21 -23.88 -1.02 19.91
C THR A 21 -24.14 -1.71 18.58
N ALA A 22 -24.03 -0.97 17.45
CA ALA A 22 -24.23 -1.55 16.12
C ALA A 22 -23.06 -2.47 15.76
N ILE A 23 -23.36 -3.67 15.22
CA ILE A 23 -22.35 -4.68 14.87
C ILE A 23 -22.10 -4.62 13.36
N PHE A 24 -20.83 -4.61 12.95
CA PHE A 24 -20.44 -4.53 11.54
C PHE A 24 -20.93 -5.74 10.73
N SER A 25 -20.71 -6.97 11.24
CA SER A 25 -21.03 -8.20 10.53
C SER A 25 -22.56 -8.43 10.41
N ASP A 26 -23.37 -7.76 11.24
CA ASP A 26 -24.83 -7.87 11.14
C ASP A 26 -25.33 -7.10 9.91
N ARG A 27 -24.61 -6.04 9.51
CA ARG A 27 -24.99 -5.21 8.38
C ARG A 27 -24.26 -5.57 7.08
N TYR A 28 -22.97 -5.93 7.17
CA TYR A 28 -22.15 -6.18 5.98
C TYR A 28 -21.61 -7.60 5.94
N LYS A 29 -21.42 -8.12 4.72
CA LYS A 29 -20.80 -9.44 4.47
C LYS A 29 -19.56 -9.24 3.58
N GLY A 30 -18.49 -9.95 3.90
CA GLY A 30 -17.25 -9.88 3.12
C GLY A 30 -17.38 -10.62 1.81
N GLN A 31 -17.06 -9.97 0.69
CA GLN A 31 -17.15 -10.60 -0.63
C GLN A 31 -15.79 -11.08 -1.07
N ARG A 32 -14.80 -10.18 -1.08
N ARG A 32 -14.79 -10.19 -1.07
CA ARG A 32 -13.43 -10.55 -1.47
CA ARG A 32 -13.42 -10.56 -1.44
C ARG A 32 -12.42 -9.51 -0.98
C ARG A 32 -12.43 -9.55 -0.90
N VAL A 33 -11.16 -9.92 -0.88
CA VAL A 33 -10.09 -9.06 -0.40
C VAL A 33 -9.66 -8.14 -1.54
N LEU A 34 -9.57 -6.83 -1.27
CA LEU A 34 -9.14 -5.86 -2.27
C LEU A 34 -7.60 -5.63 -2.18
N GLY A 35 -7.07 -5.62 -0.95
CA GLY A 35 -5.64 -5.46 -0.74
C GLY A 35 -5.25 -4.87 0.59
N LYS A 36 -3.93 -4.71 0.79
N LYS A 36 -3.94 -4.71 0.81
CA LYS A 36 -3.35 -4.16 2.02
CA LYS A 36 -3.41 -4.17 2.06
C LYS A 36 -3.23 -2.64 1.91
C LYS A 36 -3.22 -2.67 1.93
N GLY A 37 -3.69 -1.92 2.92
CA GLY A 37 -3.59 -0.47 2.98
C GLY A 37 -2.91 -0.04 4.25
N SER A 38 -2.73 1.29 4.43
CA SER A 38 -2.15 1.80 5.67
C SER A 38 -3.10 1.46 6.81
N PHE A 39 -2.56 0.90 7.90
CA PHE A 39 -3.26 0.55 9.15
C PHE A 39 -4.09 -0.75 9.07
N GLY A 40 -4.30 -1.33 7.89
CA GLY A 40 -5.03 -2.60 7.82
C GLY A 40 -5.39 -3.08 6.43
N GLU A 41 -6.12 -4.21 6.39
CA GLU A 41 -6.59 -4.82 5.15
C GLU A 41 -7.83 -4.13 4.67
N VAL A 42 -8.06 -4.15 3.35
CA VAL A 42 -9.24 -3.56 2.75
C VAL A 42 -10.04 -4.69 2.11
N ILE A 43 -11.30 -4.83 2.51
CA ILE A 43 -12.19 -5.89 2.04
C ILE A 43 -13.35 -5.27 1.28
N LEU A 44 -13.73 -5.89 0.15
CA LEU A 44 -14.94 -5.49 -0.57
C LEU A 44 -16.11 -6.13 0.18
N CYS A 45 -17.01 -5.31 0.70
CA CYS A 45 -18.15 -5.78 1.46
C CYS A 45 -19.42 -5.33 0.83
N LYS A 46 -20.52 -5.97 1.21
CA LYS A 46 -21.83 -5.67 0.65
C LYS A 46 -22.87 -5.59 1.75
N ASP A 47 -23.73 -4.55 1.72
CA ASP A 47 -24.82 -4.42 2.68
C ASP A 47 -25.77 -5.63 2.46
N LYS A 48 -26.10 -6.36 3.54
CA LYS A 48 -26.94 -7.57 3.45
C LYS A 48 -28.42 -7.26 3.13
N ILE A 49 -28.87 -5.99 3.19
CA ILE A 49 -30.26 -5.62 2.89
C ILE A 49 -30.37 -4.85 1.58
N THR A 50 -29.59 -3.78 1.41
CA THR A 50 -29.70 -2.91 0.23
C THR A 50 -28.85 -3.38 -0.95
N GLY A 51 -27.85 -4.22 -0.68
CA GLY A 51 -26.95 -4.70 -1.73
C GLY A 51 -25.87 -3.70 -2.12
N GLN A 52 -25.72 -2.59 -1.37
CA GLN A 52 -24.72 -1.57 -1.66
C GLN A 52 -23.30 -2.10 -1.36
N GLU A 53 -22.40 -2.01 -2.37
CA GLU A 53 -21.01 -2.43 -2.22
C GLU A 53 -20.21 -1.33 -1.53
N CYS A 54 -19.24 -1.73 -0.68
CA CYS A 54 -18.38 -0.78 0.01
CA CYS A 54 -18.40 -0.80 0.09
C CYS A 54 -17.00 -1.38 0.25
N ALA A 55 -16.01 -0.52 0.41
CA ALA A 55 -14.64 -0.91 0.71
C ALA A 55 -14.53 -0.74 2.22
N VAL A 56 -14.05 -1.74 2.94
CA VAL A 56 -13.95 -1.63 4.40
C VAL A 56 -12.52 -1.83 4.82
N LYS A 57 -11.95 -0.89 5.57
CA LYS A 57 -10.62 -1.05 6.12
C LYS A 57 -10.78 -1.56 7.53
N VAL A 58 -10.22 -2.73 7.80
CA VAL A 58 -10.28 -3.36 9.11
C VAL A 58 -8.94 -3.09 9.79
N ILE A 59 -8.96 -2.30 10.87
CA ILE A 59 -7.76 -1.95 11.62
C ILE A 59 -7.73 -2.79 12.90
N SER A 60 -6.69 -3.64 13.05
CA SER A 60 -6.51 -4.45 14.25
C SER A 60 -5.96 -3.60 15.39
N LYS A 61 -6.69 -3.55 16.53
CA LYS A 61 -6.28 -2.78 17.72
C LYS A 61 -4.98 -3.32 18.33
N ARG A 62 -4.70 -4.61 18.14
CA ARG A 62 -3.46 -5.22 18.66
C ARG A 62 -2.24 -4.76 17.86
N GLN A 63 -2.38 -4.66 16.53
CA GLN A 63 -1.25 -4.32 15.64
C GLN A 63 -1.08 -2.83 15.45
N VAL A 64 -2.13 -2.02 15.69
CA VAL A 64 -2.11 -0.58 15.45
C VAL A 64 -2.44 0.18 16.75
N LYS A 65 -1.53 1.08 17.16
CA LYS A 65 -1.72 1.91 18.35
C LYS A 65 -2.50 3.19 17.98
N GLN A 66 -3.38 3.62 18.89
CA GLN A 66 -4.14 4.85 18.75
C GLN A 66 -3.32 6.02 19.31
N LYS A 67 -3.29 7.15 18.61
CA LYS A 67 -2.58 8.35 19.06
C LYS A 67 -3.46 9.25 19.93
N THR A 68 -4.78 9.15 19.75
CA THR A 68 -5.75 9.98 20.44
C THR A 68 -6.71 9.12 21.27
N ASP A 69 -7.56 9.76 22.08
CA ASP A 69 -8.54 9.03 22.89
C ASP A 69 -9.76 8.65 22.00
N LYS A 70 -10.71 7.86 22.56
CA LYS A 70 -11.90 7.41 21.82
C LYS A 70 -12.80 8.57 21.37
N GLU A 71 -13.01 9.57 22.25
CA GLU A 71 -13.88 10.72 21.93
C GLU A 71 -13.32 11.58 20.78
N SER A 72 -12.00 11.73 20.68
CA SER A 72 -11.37 12.51 19.61
C SER A 72 -11.55 11.80 18.26
N LEU A 73 -11.44 10.46 18.26
CA LEU A 73 -11.61 9.65 17.06
C LEU A 73 -13.06 9.69 16.57
N LEU A 74 -14.03 9.58 17.50
CA LEU A 74 -15.46 9.63 17.16
C LEU A 74 -15.85 10.98 16.56
N ARG A 75 -15.31 12.08 17.12
CA ARG A 75 -15.60 13.43 16.62
C ARG A 75 -15.02 13.65 15.23
N GLU A 76 -13.81 13.11 14.95
CA GLU A 76 -13.21 13.25 13.61
C GLU A 76 -13.97 12.40 12.61
N VAL A 77 -14.36 11.17 12.98
CA VAL A 77 -15.13 10.26 12.11
C VAL A 77 -16.47 10.92 11.70
N GLN A 78 -17.18 11.51 12.66
CA GLN A 78 -18.45 12.23 12.44
C GLN A 78 -18.23 13.38 11.43
N LEU A 79 -17.11 14.13 11.57
CA LEU A 79 -16.79 15.21 10.63
C LEU A 79 -16.49 14.61 9.26
N LEU A 80 -15.57 13.61 9.21
CA LEU A 80 -15.16 12.94 7.97
C LEU A 80 -16.35 12.38 7.18
N LYS A 81 -17.36 11.84 7.88
CA LYS A 81 -18.54 11.28 7.19
C LYS A 81 -19.37 12.38 6.51
N GLN A 82 -19.33 13.61 7.03
CA GLN A 82 -20.12 14.72 6.47
C GLN A 82 -19.40 15.45 5.34
N LEU A 83 -18.07 15.28 5.22
CA LEU A 83 -17.32 15.98 4.19
C LEU A 83 -17.54 15.30 2.84
N ASP A 84 -17.47 16.09 1.77
CA ASP A 84 -17.74 15.60 0.41
C ASP A 84 -16.97 16.44 -0.62
N HIS A 85 -16.09 15.80 -1.39
CA HIS A 85 -15.34 16.45 -2.45
C HIS A 85 -15.09 15.42 -3.57
N PRO A 86 -15.09 15.79 -4.88
CA PRO A 86 -14.89 14.75 -5.92
C PRO A 86 -13.53 14.05 -5.89
N ASN A 87 -12.49 14.63 -5.24
CA ASN A 87 -11.16 14.04 -5.21
C ASN A 87 -10.78 13.53 -3.82
N ILE A 88 -11.77 13.32 -2.96
CA ILE A 88 -11.56 12.78 -1.62
C ILE A 88 -12.46 11.57 -1.48
N MET A 89 -11.92 10.48 -0.92
CA MET A 89 -12.71 9.28 -0.71
C MET A 89 -13.91 9.55 0.22
N LYS A 90 -15.08 9.01 -0.14
CA LYS A 90 -16.26 9.13 0.69
C LYS A 90 -16.27 8.04 1.75
N LEU A 91 -16.48 8.44 3.03
CA LEU A 91 -16.61 7.54 4.16
C LEU A 91 -18.08 7.49 4.51
N TYR A 92 -18.62 6.29 4.80
CA TYR A 92 -20.05 6.11 5.07
C TYR A 92 -20.31 5.75 6.50
N GLU A 93 -19.60 4.74 7.03
CA GLU A 93 -19.84 4.24 8.39
C GLU A 93 -18.55 3.92 9.11
N PHE A 94 -18.69 3.76 10.42
CA PHE A 94 -17.59 3.43 11.31
C PHE A 94 -18.09 2.51 12.41
N PHE A 95 -17.38 1.41 12.64
CA PHE A 95 -17.73 0.46 13.69
C PHE A 95 -16.50 0.13 14.47
N GLU A 96 -16.71 -0.33 15.69
CA GLU A 96 -15.65 -0.69 16.59
C GLU A 96 -16.12 -1.79 17.49
N ASP A 97 -15.31 -2.85 17.64
CA ASP A 97 -15.58 -3.93 18.58
C ASP A 97 -14.36 -4.03 19.50
N LYS A 98 -14.27 -5.08 20.32
CA LYS A 98 -13.17 -5.24 21.29
C LYS A 98 -11.77 -5.24 20.63
N GLY A 99 -11.65 -5.84 19.44
CA GLY A 99 -10.36 -6.00 18.79
C GLY A 99 -10.12 -5.21 17.51
N TYR A 100 -11.17 -4.57 16.93
CA TYR A 100 -11.00 -3.89 15.64
C TYR A 100 -11.81 -2.60 15.47
N PHE A 101 -11.38 -1.81 14.48
CA PHE A 101 -12.11 -0.68 13.95
C PHE A 101 -12.43 -1.05 12.53
N TYR A 102 -13.61 -0.64 12.03
CA TYR A 102 -14.04 -0.92 10.66
C TYR A 102 -14.43 0.40 10.02
N LEU A 103 -13.63 0.89 9.07
CA LEU A 103 -13.90 2.14 8.37
C LEU A 103 -14.55 1.75 7.07
N VAL A 104 -15.84 2.09 6.90
CA VAL A 104 -16.63 1.69 5.73
C VAL A 104 -16.81 2.89 4.80
N GLY A 105 -16.42 2.73 3.55
CA GLY A 105 -16.54 3.79 2.56
C GLY A 105 -16.70 3.30 1.15
N GLU A 106 -16.63 4.24 0.21
CA GLU A 106 -16.87 3.96 -1.20
C GLU A 106 -15.72 3.18 -1.86
N VAL A 107 -16.07 2.25 -2.77
CA VAL A 107 -15.10 1.43 -3.53
C VAL A 107 -14.70 2.20 -4.76
N TYR A 108 -13.41 2.15 -5.10
CA TYR A 108 -12.88 2.70 -6.36
C TYR A 108 -12.18 1.56 -7.07
N THR A 109 -12.43 1.41 -8.37
CA THR A 109 -12.02 0.26 -9.16
C THR A 109 -10.96 0.57 -10.23
N GLY A 110 -10.50 1.81 -10.33
CA GLY A 110 -9.52 2.20 -11.33
C GLY A 110 -8.07 1.86 -10.98
N GLY A 111 -7.82 1.48 -9.74
CA GLY A 111 -6.47 1.15 -9.28
C GLY A 111 -5.65 2.38 -8.93
N GLU A 112 -4.35 2.19 -8.69
CA GLU A 112 -3.46 3.27 -8.31
C GLU A 112 -3.06 4.09 -9.54
N LEU A 113 -3.02 5.42 -9.38
CA LEU A 113 -2.69 6.36 -10.47
C LEU A 113 -1.45 5.95 -11.28
N PHE A 114 -0.35 5.58 -10.60
CA PHE A 114 0.92 5.27 -11.28
C PHE A 114 0.83 3.99 -12.11
N ASP A 115 -0.01 3.00 -11.71
CA ASP A 115 -0.20 1.77 -12.50
C ASP A 115 -0.94 2.09 -13.81
N GLU A 116 -1.76 3.16 -13.81
CA GLU A 116 -2.48 3.60 -15.01
C GLU A 116 -1.56 4.40 -15.91
N ILE A 117 -0.78 5.33 -15.34
CA ILE A 117 0.15 6.18 -16.10
C ILE A 117 1.14 5.32 -16.94
N ILE A 118 1.64 4.22 -16.38
CA ILE A 118 2.64 3.40 -17.07
C ILE A 118 1.97 2.55 -18.18
N SER A 119 0.65 2.35 -18.14
CA SER A 119 -0.06 1.59 -19.16
C SER A 119 -0.26 2.39 -20.48
N ARG A 120 -0.24 3.75 -20.40
CA ARG A 120 -0.49 4.59 -21.59
C ARG A 120 0.82 4.84 -22.38
N LYS A 121 0.67 5.22 -23.66
CA LYS A 121 1.82 5.41 -24.58
C LYS A 121 2.43 6.81 -24.48
N ARG A 122 1.62 7.85 -24.17
CA ARG A 122 2.11 9.23 -24.07
C ARG A 122 1.66 9.85 -22.75
N PHE A 123 2.48 10.78 -22.23
CA PHE A 123 2.23 11.49 -20.97
C PHE A 123 2.93 12.83 -21.04
N SER A 124 2.19 13.93 -20.87
CA SER A 124 2.73 15.27 -20.99
C SER A 124 2.42 16.11 -19.77
N GLU A 125 2.92 17.36 -19.74
CA GLU A 125 2.67 18.33 -18.67
C GLU A 125 1.17 18.61 -18.53
N VAL A 126 0.41 18.54 -19.65
CA VAL A 126 -1.04 18.73 -19.62
C VAL A 126 -1.66 17.62 -18.74
N ASP A 127 -1.19 16.36 -18.91
CA ASP A 127 -1.64 15.22 -18.11
C ASP A 127 -1.20 15.37 -16.65
N ALA A 128 0.06 15.81 -16.41
CA ALA A 128 0.57 16.01 -15.04
C ALA A 128 -0.19 17.14 -14.33
N ALA A 129 -0.54 18.21 -15.07
CA ALA A 129 -1.30 19.34 -14.51
C ALA A 129 -2.71 18.93 -14.14
N ARG A 130 -3.39 18.14 -15.00
CA ARG A 130 -4.74 17.67 -14.70
C ARG A 130 -4.75 16.80 -13.44
N ILE A 131 -3.72 15.94 -13.29
CA ILE A 131 -3.55 15.08 -12.11
C ILE A 131 -3.35 15.93 -10.85
N ILE A 132 -2.41 16.89 -10.90
CA ILE A 132 -2.05 17.67 -9.73
C ILE A 132 -3.12 18.71 -9.41
N ARG A 133 -3.89 19.21 -10.41
CA ARG A 133 -5.00 20.12 -10.12
C ARG A 133 -6.04 19.38 -9.23
N GLN A 134 -6.33 18.11 -9.56
CA GLN A 134 -7.27 17.28 -8.80
C GLN A 134 -6.78 17.04 -7.37
N VAL A 135 -5.50 16.66 -7.20
CA VAL A 135 -4.92 16.38 -5.88
C VAL A 135 -4.94 17.67 -5.04
N LEU A 136 -4.54 18.81 -5.63
CA LEU A 136 -4.54 20.10 -4.93
C LEU A 136 -5.96 20.55 -4.58
N SER A 137 -6.94 20.30 -5.47
CA SER A 137 -8.34 20.65 -5.22
C SER A 137 -8.85 19.86 -4.00
N GLY A 138 -8.48 18.59 -3.92
CA GLY A 138 -8.82 17.74 -2.79
C GLY A 138 -8.16 18.19 -1.51
N ILE A 139 -6.85 18.49 -1.58
CA ILE A 139 -6.09 18.92 -0.40
C ILE A 139 -6.63 20.27 0.13
N THR A 140 -6.82 21.25 -0.78
CA THR A 140 -7.31 22.58 -0.42
C THR A 140 -8.60 22.45 0.38
N TYR A 141 -9.53 21.62 -0.09
CA TYR A 141 -10.79 21.38 0.57
C TYR A 141 -10.63 20.75 1.98
N MET A 142 -9.77 19.75 2.11
CA MET A 142 -9.56 19.08 3.41
C MET A 142 -8.85 20.01 4.40
N HIS A 143 -7.97 20.90 3.90
CA HIS A 143 -7.26 21.87 4.75
C HIS A 143 -8.21 22.94 5.27
N LYS A 144 -9.20 23.36 4.47
CA LYS A 144 -10.24 24.28 4.93
C LYS A 144 -11.03 23.69 6.10
N ASN A 145 -11.16 22.34 6.14
CA ASN A 145 -11.88 21.62 7.19
C ASN A 145 -10.93 21.12 8.30
N LYS A 146 -9.68 21.64 8.34
CA LYS A 146 -8.68 21.38 9.38
C LYS A 146 -8.29 19.89 9.46
N ILE A 147 -8.16 19.23 8.31
CA ILE A 147 -7.75 17.84 8.24
C ILE A 147 -6.50 17.76 7.40
N VAL A 148 -5.46 17.12 7.95
CA VAL A 148 -4.17 16.95 7.31
C VAL A 148 -4.04 15.47 6.92
N HIS A 149 -3.34 15.18 5.82
CA HIS A 149 -3.08 13.80 5.44
C HIS A 149 -1.80 13.33 6.12
N ARG A 150 -0.66 14.00 5.85
CA ARG A 150 0.67 13.67 6.43
C ARG A 150 1.40 12.56 5.63
N ASP A 151 0.67 11.53 5.14
CA ASP A 151 1.24 10.39 4.42
C ASP A 151 0.81 10.35 2.96
N LEU A 152 0.64 11.52 2.34
CA LEU A 152 0.24 11.57 0.94
C LEU A 152 1.37 11.03 0.07
N LYS A 153 1.04 10.04 -0.76
CA LYS A 153 1.97 9.38 -1.66
C LYS A 153 1.16 8.85 -2.86
N PRO A 154 1.82 8.46 -3.97
CA PRO A 154 1.08 7.97 -5.15
C PRO A 154 0.13 6.79 -4.86
N GLU A 155 0.53 5.89 -3.94
CA GLU A 155 -0.27 4.72 -3.55
C GLU A 155 -1.65 5.13 -2.98
N ASN A 156 -1.74 6.36 -2.41
CA ASN A 156 -2.99 6.89 -1.86
C ASN A 156 -3.78 7.70 -2.90
N LEU A 157 -3.42 7.62 -4.18
CA LEU A 157 -4.15 8.27 -5.26
C LEU A 157 -4.78 7.16 -6.07
N LEU A 158 -6.08 6.91 -5.88
CA LEU A 158 -6.81 5.87 -6.59
C LEU A 158 -7.67 6.51 -7.66
N LEU A 159 -7.88 5.79 -8.75
CA LEU A 159 -8.73 6.26 -9.83
C LEU A 159 -10.12 5.70 -9.58
N GLU A 160 -11.14 6.57 -9.64
CA GLU A 160 -12.55 6.25 -9.32
C GLU A 160 -13.04 5.00 -10.05
N SER A 161 -12.85 4.98 -11.38
CA SER A 161 -13.29 3.88 -12.23
C SER A 161 -12.19 3.52 -13.24
N LYS A 162 -12.44 2.48 -14.06
CA LYS A 162 -11.47 2.02 -15.06
C LYS A 162 -11.44 2.92 -16.31
N SER A 163 -12.42 3.82 -16.49
CA SER A 163 -12.47 4.71 -17.67
C SER A 163 -11.30 5.72 -17.68
N LYS A 164 -10.90 6.18 -18.87
CA LYS A 164 -9.78 7.11 -19.06
C LYS A 164 -10.06 8.52 -18.47
N ASP A 165 -11.35 8.89 -18.31
CA ASP A 165 -11.74 10.19 -17.73
C ASP A 165 -11.94 10.12 -16.19
N ALA A 166 -11.55 8.99 -15.56
CA ALA A 166 -11.74 8.75 -14.12
C ALA A 166 -11.08 9.83 -13.24
N ASN A 167 -11.84 10.36 -12.29
CA ASN A 167 -11.31 11.31 -11.32
C ASN A 167 -10.38 10.58 -10.34
N ILE A 168 -9.48 11.35 -9.74
CA ILE A 168 -8.55 10.84 -8.72
C ILE A 168 -9.25 10.95 -7.39
N ARG A 169 -9.10 9.95 -6.52
CA ARG A 169 -9.64 9.96 -5.16
C ARG A 169 -8.50 9.75 -4.17
N ILE A 170 -8.24 10.73 -3.28
CA ILE A 170 -7.21 10.61 -2.25
C ILE A 170 -7.81 9.78 -1.13
N ILE A 171 -7.10 8.73 -0.71
CA ILE A 171 -7.57 7.84 0.37
C ILE A 171 -6.75 8.12 1.63
N ASP A 172 -7.33 7.79 2.81
CA ASP A 172 -6.74 7.86 4.16
C ASP A 172 -6.51 9.28 4.69
N PHE A 173 -7.26 10.28 4.22
CA PHE A 173 -7.12 11.62 4.81
C PHE A 173 -7.54 11.55 6.28
N GLY A 174 -6.75 12.17 7.15
CA GLY A 174 -7.05 12.25 8.58
C GLY A 174 -6.72 11.05 9.44
N LEU A 175 -6.38 9.89 8.86
CA LEU A 175 -6.13 8.69 9.66
C LEU A 175 -4.82 8.75 10.44
N SER A 176 -3.76 9.37 9.86
CA SER A 176 -2.44 9.44 10.53
C SER A 176 -2.51 10.24 11.85
N THR A 177 -3.48 11.16 11.98
CA THR A 177 -3.70 11.92 13.22
C THR A 177 -4.13 11.00 14.37
N HIS A 178 -4.82 9.89 14.05
CA HIS A 178 -5.41 9.03 15.07
C HIS A 178 -4.73 7.68 15.21
N PHE A 179 -3.99 7.22 14.19
CA PHE A 179 -3.33 5.91 14.25
C PHE A 179 -1.83 6.06 14.05
N GLU A 180 -1.04 5.36 14.88
CA GLU A 180 0.42 5.42 14.82
C GLU A 180 0.94 4.64 13.63
N ALA A 181 1.91 5.23 12.91
CA ALA A 181 2.54 4.62 11.74
C ALA A 181 3.32 3.36 12.14
N SER A 182 3.25 2.32 11.28
CA SER A 182 3.99 1.08 11.52
C SER A 182 5.49 1.31 11.37
N LYS A 183 6.30 0.57 12.14
CA LYS A 183 7.75 0.63 12.09
C LYS A 183 8.32 -0.51 11.21
N LYS A 184 7.44 -1.38 10.67
CA LYS A 184 7.87 -2.51 9.84
C LYS A 184 8.06 -2.05 8.40
N MET A 185 9.15 -2.48 7.75
CA MET A 185 9.49 -2.06 6.38
C MET A 185 8.41 -2.50 5.38
N LYS A 186 7.78 -3.67 5.60
CA LYS A 186 6.70 -4.17 4.71
C LYS A 186 5.51 -3.16 4.63
N ASP A 187 5.38 -2.28 5.64
CA ASP A 187 4.33 -1.26 5.70
C ASP A 187 4.85 0.16 5.34
N LYS A 188 6.19 0.37 5.35
CA LYS A 188 6.84 1.68 5.09
C LYS A 188 7.44 1.80 3.66
N ILE A 189 7.26 0.83 2.75
CA ILE A 189 7.84 0.90 1.40
C ILE A 189 7.37 2.18 0.70
N GLY A 190 8.32 2.97 0.24
CA GLY A 190 8.07 4.20 -0.49
C GLY A 190 7.59 5.39 0.29
N THR A 191 7.49 5.31 1.62
CA THR A 191 6.99 6.45 2.40
C THR A 191 8.06 7.56 2.58
N ALA A 192 9.36 7.19 2.69
CA ALA A 192 10.47 8.14 2.90
C ALA A 192 10.58 9.20 1.78
N TYR A 193 10.21 8.87 0.53
CA TYR A 193 10.35 9.82 -0.58
C TYR A 193 9.48 11.06 -0.43
N TYR A 194 8.25 10.89 0.09
CA TYR A 194 7.23 11.93 0.09
C TYR A 194 7.03 12.63 1.41
N ILE A 195 7.63 12.14 2.49
CA ILE A 195 7.41 12.71 3.82
C ILE A 195 8.14 14.06 3.97
N ALA A 196 7.43 15.07 4.52
CA ALA A 196 8.00 16.41 4.67
C ALA A 196 9.04 16.44 5.80
N PRO A 197 10.11 17.25 5.66
CA PRO A 197 11.16 17.28 6.70
C PRO A 197 10.64 17.62 8.09
N GLU A 198 9.63 18.50 8.18
CA GLU A 198 9.11 18.94 9.47
C GLU A 198 8.37 17.80 10.18
N VAL A 199 7.84 16.80 9.43
CA VAL A 199 7.17 15.67 10.05
C VAL A 199 8.22 14.81 10.79
N LEU A 200 9.46 14.74 10.26
CA LEU A 200 10.54 13.97 10.87
C LEU A 200 10.94 14.52 12.25
N HIS A 201 10.88 15.86 12.46
CA HIS A 201 11.27 16.47 13.74
C HIS A 201 10.10 16.81 14.67
N GLY A 202 8.86 16.60 14.25
CA GLY A 202 7.69 16.72 15.13
C GLY A 202 6.79 17.94 15.06
N THR A 203 7.25 19.07 14.50
CA THR A 203 6.40 20.27 14.41
C THR A 203 5.92 20.38 12.99
N TYR A 204 4.68 20.02 12.72
CA TYR A 204 4.16 20.09 11.36
C TYR A 204 2.74 20.55 11.37
N ASP A 205 2.29 21.02 10.21
CA ASP A 205 0.93 21.48 9.99
C ASP A 205 0.51 21.03 8.59
N GLU A 206 -0.62 21.53 8.08
CA GLU A 206 -1.16 21.14 6.77
C GLU A 206 -0.15 21.39 5.59
N LYS A 207 0.85 22.27 5.75
CA LYS A 207 1.82 22.50 4.68
C LYS A 207 2.63 21.23 4.31
N CYS A 208 2.68 20.22 5.21
CA CYS A 208 3.40 18.98 4.91
C CYS A 208 2.76 18.24 3.69
N ASP A 209 1.46 18.48 3.41
CA ASP A 209 0.76 17.88 2.26
C ASP A 209 1.14 18.55 0.96
N VAL A 210 1.49 19.84 0.99
CA VAL A 210 1.93 20.55 -0.22
C VAL A 210 3.30 19.98 -0.63
N TRP A 211 4.21 19.76 0.35
CA TRP A 211 5.52 19.18 0.10
C TRP A 211 5.39 17.82 -0.56
N SER A 212 4.58 16.92 0.03
CA SER A 212 4.33 15.57 -0.51
C SER A 212 3.83 15.62 -1.95
N THR A 213 2.94 16.59 -2.27
CA THR A 213 2.43 16.77 -3.64
C THR A 213 3.55 17.30 -4.53
N GLY A 214 4.39 18.17 -3.98
CA GLY A 214 5.56 18.68 -4.69
C GLY A 214 6.47 17.56 -5.12
N VAL A 215 6.69 16.57 -4.23
CA VAL A 215 7.49 15.38 -4.55
C VAL A 215 6.79 14.57 -5.64
N ILE A 216 5.47 14.35 -5.50
CA ILE A 216 4.71 13.57 -6.49
C ILE A 216 4.83 14.24 -7.86
N LEU A 217 4.61 15.56 -7.92
CA LEU A 217 4.74 16.31 -9.18
C LEU A 217 6.16 16.16 -9.78
N TYR A 218 7.20 16.29 -8.94
CA TYR A 218 8.59 16.11 -9.41
C TYR A 218 8.75 14.72 -10.09
N ILE A 219 8.16 13.66 -9.50
CA ILE A 219 8.23 12.32 -10.06
C ILE A 219 7.35 12.21 -11.34
N LEU A 220 6.21 12.91 -11.42
CA LEU A 220 5.39 12.85 -12.65
C LEU A 220 6.13 13.40 -13.88
N LEU A 221 6.87 14.50 -13.72
CA LEU A 221 7.54 15.17 -14.84
C LEU A 221 8.98 14.63 -15.14
N SER A 222 9.55 13.77 -14.27
CA SER A 222 10.89 13.20 -14.52
C SER A 222 10.98 11.67 -14.28
N GLY A 223 10.08 11.11 -13.48
CA GLY A 223 10.09 9.70 -13.10
C GLY A 223 11.15 9.29 -12.09
N CYS A 224 11.81 10.28 -11.44
N CYS A 224 11.81 10.28 -11.44
CA CYS A 224 12.85 10.01 -10.46
CA CYS A 224 12.87 10.03 -10.47
C CYS A 224 12.53 10.76 -9.17
C CYS A 224 12.54 10.78 -9.17
N PRO A 225 12.57 10.12 -7.98
CA PRO A 225 12.32 10.89 -6.74
C PRO A 225 13.34 12.02 -6.52
N PRO A 226 12.92 13.23 -6.12
CA PRO A 226 13.89 14.32 -5.87
C PRO A 226 14.88 14.02 -4.74
N PHE A 227 14.47 13.25 -3.73
CA PHE A 227 15.33 12.86 -2.61
C PHE A 227 15.43 11.35 -2.64
N ASN A 228 16.57 10.83 -3.10
CA ASN A 228 16.77 9.39 -3.29
C ASN A 228 17.98 8.88 -2.53
N GLY A 229 18.09 7.56 -2.43
CA GLY A 229 19.19 6.91 -1.72
C GLY A 229 19.12 5.39 -1.81
N ALA A 230 20.22 4.71 -1.46
CA ALA A 230 20.32 3.25 -1.56
C ALA A 230 19.55 2.50 -0.44
N ASN A 231 18.97 3.22 0.53
CA ASN A 231 18.19 2.63 1.62
C ASN A 231 17.35 3.71 2.28
N GLU A 232 16.41 3.31 3.15
CA GLU A 232 15.45 4.21 3.79
C GLU A 232 16.13 5.35 4.52
N TYR A 233 17.14 5.07 5.33
CA TYR A 233 17.78 6.10 6.12
C TYR A 233 18.52 7.12 5.23
N ASP A 234 19.14 6.66 4.12
CA ASP A 234 19.82 7.58 3.18
C ASP A 234 18.82 8.52 2.52
N ILE A 235 17.59 8.06 2.25
CA ILE A 235 16.55 8.91 1.66
C ILE A 235 16.13 9.97 2.68
N LEU A 236 15.86 9.55 3.92
CA LEU A 236 15.46 10.49 4.98
C LEU A 236 16.55 11.54 5.24
N LYS A 237 17.83 11.17 5.04
CA LYS A 237 18.94 12.11 5.18
C LYS A 237 18.86 13.18 4.10
N LYS A 238 18.56 12.79 2.86
CA LYS A 238 18.38 13.73 1.74
C LYS A 238 17.17 14.63 1.98
N VAL A 239 16.06 14.04 2.44
CA VAL A 239 14.84 14.80 2.72
C VAL A 239 15.11 15.83 3.81
N GLU A 240 15.75 15.40 4.89
CA GLU A 240 16.01 16.28 6.02
C GLU A 240 16.92 17.46 5.62
N LYS A 241 17.91 17.24 4.73
CA LYS A 241 18.76 18.35 4.25
C LYS A 241 17.94 19.26 3.31
N GLY A 242 16.98 18.68 2.60
CA GLY A 242 16.05 19.40 1.76
C GLY A 242 16.59 19.85 0.41
N LYS A 243 17.81 19.41 0.07
CA LYS A 243 18.47 19.83 -1.18
C LYS A 243 18.15 18.87 -2.32
N TYR A 244 17.80 19.42 -3.46
CA TYR A 244 17.51 18.67 -4.68
C TYR A 244 17.85 19.56 -5.87
N THR A 245 17.89 18.98 -7.09
CA THR A 245 18.20 19.75 -8.30
C THR A 245 17.34 19.32 -9.47
N PHE A 246 17.32 20.14 -10.53
CA PHE A 246 16.63 19.82 -11.79
C PHE A 246 17.71 19.48 -12.85
N GLU A 247 18.81 18.81 -12.41
CA GLU A 247 19.97 18.52 -13.26
C GLU A 247 19.92 17.06 -13.77
N LEU A 248 18.86 16.75 -14.54
CA LEU A 248 18.72 15.48 -15.24
C LEU A 248 18.34 15.83 -16.68
N PRO A 249 18.83 15.09 -17.69
CA PRO A 249 18.53 15.47 -19.09
C PRO A 249 17.04 15.75 -19.33
N GLN A 250 16.16 14.87 -18.81
CA GLN A 250 14.68 14.95 -18.95
C GLN A 250 14.07 16.31 -18.51
N TRP A 251 14.71 17.06 -17.58
CA TRP A 251 14.17 18.35 -17.15
C TRP A 251 14.30 19.45 -18.23
N LYS A 252 15.16 19.26 -19.26
CA LYS A 252 15.32 20.25 -20.35
C LYS A 252 14.04 20.41 -21.17
N LYS A 253 13.25 19.33 -21.33
CA LYS A 253 12.00 19.35 -22.10
C LYS A 253 10.78 19.76 -21.23
N VAL A 254 10.99 20.20 -19.97
CA VAL A 254 9.91 20.61 -19.07
C VAL A 254 9.89 22.13 -18.94
N SER A 255 8.69 22.73 -18.88
CA SER A 255 8.48 24.17 -18.76
C SER A 255 9.08 24.73 -17.48
N GLU A 256 9.44 26.02 -17.51
CA GLU A 256 10.04 26.71 -16.35
C GLU A 256 8.98 26.99 -15.28
N SER A 257 7.69 27.19 -15.67
CA SER A 257 6.62 27.41 -14.70
C SER A 257 6.34 26.14 -13.87
N ALA A 258 6.54 24.93 -14.46
CA ALA A 258 6.40 23.67 -13.70
C ALA A 258 7.50 23.59 -12.64
N LYS A 259 8.74 23.97 -13.02
CA LYS A 259 9.89 23.97 -12.10
C LYS A 259 9.68 25.01 -11.00
N ASP A 260 9.04 26.15 -11.32
CA ASP A 260 8.74 27.20 -10.35
C ASP A 260 7.76 26.70 -9.30
N LEU A 261 6.69 26.04 -9.74
CA LEU A 261 5.69 25.49 -8.81
C LEU A 261 6.34 24.47 -7.87
N ILE A 262 7.19 23.58 -8.41
CA ILE A 262 7.90 22.58 -7.61
C ILE A 262 8.76 23.27 -6.54
N ARG A 263 9.50 24.35 -6.92
CA ARG A 263 10.35 25.10 -5.97
C ARG A 263 9.54 25.69 -4.83
N LYS A 264 8.36 26.20 -5.15
CA LYS A 264 7.48 26.79 -4.14
C LYS A 264 6.90 25.69 -3.22
N MET A 265 6.58 24.51 -3.80
CA MET A 265 6.02 23.38 -3.02
C MET A 265 7.09 22.67 -2.21
N LEU A 266 8.33 22.59 -2.69
CA LEU A 266 9.43 21.96 -1.95
C LEU A 266 10.29 23.01 -1.24
N THR A 267 9.67 24.10 -0.76
CA THR A 267 10.35 25.13 0.03
C THR A 267 10.45 24.54 1.43
N TYR A 268 11.66 24.56 2.00
CA TYR A 268 11.96 23.90 3.26
C TYR A 268 11.15 24.44 4.45
N VAL A 269 11.13 25.75 4.67
CA VAL A 269 10.44 26.33 5.83
C VAL A 269 8.94 26.37 5.50
N PRO A 270 8.10 25.63 6.25
CA PRO A 270 6.68 25.51 5.89
C PRO A 270 5.95 26.84 5.78
N SER A 271 6.28 27.84 6.60
CA SER A 271 5.65 29.15 6.52
C SER A 271 6.00 29.88 5.21
N MET A 272 7.12 29.53 4.55
CA MET A 272 7.51 30.13 3.26
C MET A 272 6.95 29.29 2.09
N ARG A 273 6.61 28.03 2.35
CA ARG A 273 6.05 27.12 1.36
C ARG A 273 4.68 27.58 0.92
N ILE A 274 4.39 27.45 -0.39
CA ILE A 274 3.09 27.83 -0.95
C ILE A 274 1.95 26.99 -0.33
N SER A 275 0.76 27.56 -0.22
CA SER A 275 -0.39 26.83 0.27
C SER A 275 -0.97 25.99 -0.86
N ALA A 276 -1.83 25.01 -0.52
CA ALA A 276 -2.52 24.18 -1.52
C ALA A 276 -3.40 25.06 -2.41
N ARG A 277 -4.09 26.02 -1.80
CA ARG A 277 -4.95 26.97 -2.50
C ARG A 277 -4.16 27.75 -3.52
N ASP A 278 -3.05 28.39 -3.10
CA ASP A 278 -2.25 29.20 -4.01
C ASP A 278 -1.57 28.32 -5.08
N ALA A 279 -1.29 27.04 -4.79
CA ALA A 279 -0.70 26.14 -5.78
C ALA A 279 -1.70 25.94 -6.97
N LEU A 280 -3.03 25.93 -6.71
CA LEU A 280 -4.05 25.84 -7.78
C LEU A 280 -4.01 27.05 -8.71
N ASP A 281 -3.82 28.27 -8.15
CA ASP A 281 -3.81 29.52 -8.93
C ASP A 281 -2.46 29.77 -9.64
N HIS A 282 -1.47 28.87 -9.47
CA HIS A 282 -0.15 29.04 -10.08
C HIS A 282 -0.25 29.02 -11.62
N GLU A 283 0.61 29.81 -12.30
CA GLU A 283 0.66 29.93 -13.76
C GLU A 283 0.64 28.55 -14.46
N TRP A 284 1.39 27.58 -13.92
CA TRP A 284 1.49 26.24 -14.50
C TRP A 284 0.14 25.52 -14.51
N ILE A 285 -0.58 25.55 -13.39
CA ILE A 285 -1.88 24.89 -13.30
C ILE A 285 -2.90 25.64 -14.19
N GLN A 286 -2.87 26.98 -14.15
CA GLN A 286 -3.81 27.79 -14.93
C GLN A 286 -3.62 27.59 -16.44
N THR A 287 -2.36 27.54 -16.91
CA THR A 287 -2.04 27.38 -18.33
C THR A 287 -2.29 25.95 -18.85
N TYR A 288 -1.73 24.94 -18.16
CA TYR A 288 -1.76 23.56 -18.65
C TYR A 288 -3.10 22.82 -18.38
N THR A 289 -4.07 23.41 -17.65
CA THR A 289 -5.40 22.78 -17.49
C THR A 289 -6.45 23.50 -18.36
N LYS A 290 -6.11 24.66 -18.97
CA LYS A 290 -7.01 25.37 -19.87
C LYS A 290 -7.02 24.64 -21.22
N GLU A 291 -8.07 24.82 -22.04
CA GLU A 291 -8.18 24.15 -23.33
C GLU A 291 -7.38 24.89 -24.42
N GLN A 292 -6.98 26.15 -24.16
CA GLN A 292 -6.19 26.96 -25.09
C GLN A 292 -4.69 26.88 -24.75
N VAL A 295 -0.21 26.44 -26.05
CA VAL A 295 1.14 26.35 -26.62
C VAL A 295 1.55 24.87 -26.78
N ASP A 296 2.71 24.62 -27.44
CA ASP A 296 3.20 23.25 -27.69
C ASP A 296 3.46 22.46 -26.41
N VAL A 297 3.09 21.16 -26.41
CA VAL A 297 3.27 20.27 -25.25
C VAL A 297 3.70 18.87 -25.75
N PRO A 298 5.01 18.52 -25.66
CA PRO A 298 5.44 17.19 -26.12
C PRO A 298 5.21 16.10 -25.08
N SER A 299 5.40 14.83 -25.50
CA SER A 299 5.28 13.68 -24.61
C SER A 299 6.60 13.49 -23.85
N LEU A 300 6.50 13.29 -22.53
CA LEU A 300 7.66 13.08 -21.67
C LEU A 300 7.96 11.58 -21.67
N ASP A 301 8.67 11.11 -22.73
CA ASP A 301 8.96 9.69 -22.95
C ASP A 301 9.92 9.13 -21.88
N ASN A 302 10.98 9.88 -21.56
CA ASN A 302 11.96 9.44 -20.57
C ASN A 302 11.31 9.33 -19.17
N ALA A 303 10.35 10.24 -18.86
CA ALA A 303 9.65 10.23 -17.58
C ALA A 303 8.79 8.96 -17.41
N ILE A 304 8.04 8.57 -18.46
CA ILE A 304 7.20 7.35 -18.43
C ILE A 304 8.08 6.13 -18.16
N LEU A 305 9.21 6.03 -18.87
CA LEU A 305 10.13 4.91 -18.72
C LEU A 305 10.70 4.86 -17.30
N ASN A 306 11.03 6.02 -16.73
CA ASN A 306 11.54 6.09 -15.36
C ASN A 306 10.44 5.76 -14.34
N ILE A 307 9.16 6.19 -14.57
CA ILE A 307 8.05 5.87 -13.65
C ILE A 307 7.77 4.34 -13.71
N ARG A 308 7.81 3.75 -14.93
CA ARG A 308 7.60 2.30 -15.12
C ARG A 308 8.70 1.49 -14.41
N GLN A 309 9.96 1.92 -14.51
CA GLN A 309 11.07 1.28 -13.79
C GLN A 309 10.94 1.51 -12.30
N PHE A 310 10.52 2.71 -11.90
CA PHE A 310 10.35 3.02 -10.46
C PHE A 310 9.22 2.18 -9.85
N GLN A 311 8.09 2.06 -10.55
CA GLN A 311 6.92 1.31 -10.06
C GLN A 311 7.23 -0.19 -9.96
N GLY A 312 7.90 -0.73 -10.97
CA GLY A 312 8.30 -2.13 -10.98
C GLY A 312 9.20 -2.47 -9.80
N THR A 313 10.16 -1.58 -9.50
CA THR A 313 11.10 -1.75 -8.37
C THR A 313 10.39 -1.72 -7.02
N GLN A 314 9.53 -0.72 -6.81
CA GLN A 314 8.79 -0.56 -5.56
C GLN A 314 7.87 -1.77 -5.30
N LYS A 315 7.18 -2.23 -6.34
CA LYS A 315 6.25 -3.35 -6.24
C LYS A 315 6.99 -4.69 -5.99
N LEU A 316 8.21 -4.86 -6.55
CA LEU A 316 8.96 -6.11 -6.32
C LEU A 316 9.51 -6.13 -4.90
N ALA A 317 9.99 -4.98 -4.40
CA ALA A 317 10.46 -4.87 -3.00
C ALA A 317 9.33 -5.17 -2.03
N GLN A 318 8.15 -4.60 -2.27
CA GLN A 318 6.96 -4.82 -1.45
C GLN A 318 6.52 -6.28 -1.48
N ALA A 319 6.48 -6.89 -2.67
CA ALA A 319 6.08 -8.30 -2.80
C ALA A 319 7.08 -9.21 -2.10
N ALA A 320 8.39 -8.88 -2.19
CA ALA A 320 9.44 -9.66 -1.50
C ALA A 320 9.25 -9.60 0.00
N LEU A 321 8.96 -8.41 0.54
CA LEU A 321 8.71 -8.26 1.98
C LEU A 321 7.41 -8.97 2.41
N LEU A 322 6.36 -8.95 1.58
CA LEU A 322 5.09 -9.59 1.93
C LEU A 322 5.18 -11.11 1.80
N TYR A 323 6.01 -11.61 0.87
CA TYR A 323 6.28 -13.03 0.72
C TYR A 323 6.96 -13.55 1.99
N MET A 324 7.98 -12.85 2.46
CA MET A 324 8.70 -13.25 3.68
C MET A 324 7.77 -13.21 4.92
N GLY A 325 6.95 -12.17 5.04
CA GLY A 325 5.99 -12.03 6.14
C GLY A 325 4.93 -13.13 6.15
N SER A 326 4.40 -13.48 4.98
CA SER A 326 3.39 -14.55 4.88
C SER A 326 3.99 -15.92 5.19
N LYS A 327 5.26 -16.14 4.79
CA LYS A 327 5.96 -17.40 5.04
C LYS A 327 6.19 -17.61 6.56
N LEU A 328 6.54 -16.54 7.31
CA LEU A 328 6.72 -16.63 8.77
C LEU A 328 5.35 -16.84 9.46
N THR A 329 4.34 -16.04 9.08
CA THR A 329 2.97 -16.16 9.60
C THR A 329 2.42 -17.57 9.33
N SER A 330 2.69 -18.11 8.13
CA SER A 330 2.25 -19.47 7.75
C SER A 330 2.89 -20.53 8.64
N GLN A 331 4.19 -20.39 8.95
CA GLN A 331 4.90 -21.34 9.83
C GLN A 331 4.29 -21.35 11.23
N ASP A 332 4.02 -20.14 11.79
CA ASP A 332 3.40 -19.98 13.12
C ASP A 332 2.01 -20.64 13.16
N GLU A 333 1.15 -20.34 12.16
CA GLU A 333 -0.22 -20.86 12.11
C GLU A 333 -0.27 -22.36 11.79
N THR A 334 0.63 -22.87 10.93
CA THR A 334 0.67 -24.30 10.58
C THR A 334 0.92 -25.13 11.84
N LYS A 335 1.88 -24.69 12.67
CA LYS A 335 2.24 -25.39 13.89
C LYS A 335 1.14 -25.25 14.95
N GLU A 336 0.52 -24.04 15.06
CA GLU A 336 -0.55 -23.79 16.03
C GLU A 336 -1.81 -24.61 15.70
N LEU A 337 -2.19 -24.66 14.42
CA LEU A 337 -3.36 -25.39 13.96
C LEU A 337 -3.16 -26.90 14.10
N THR A 338 -1.92 -27.36 13.86
CA THR A 338 -1.56 -28.77 14.00
C THR A 338 -1.71 -29.19 15.49
N ALA A 339 -1.31 -28.32 16.45
CA ALA A 339 -1.42 -28.61 17.88
C ALA A 339 -2.86 -28.55 18.36
N ILE A 340 -3.67 -27.61 17.83
CA ILE A 340 -5.09 -27.51 18.21
C ILE A 340 -5.82 -28.81 17.81
N PHE A 341 -5.59 -29.29 16.57
CA PHE A 341 -6.21 -30.52 16.09
C PHE A 341 -5.65 -31.75 16.80
N HIS A 342 -4.36 -31.73 17.22
CA HIS A 342 -3.76 -32.85 17.95
C HIS A 342 -4.44 -33.04 19.31
N LYS A 343 -4.70 -31.94 20.04
CA LYS A 343 -5.40 -31.98 21.34
C LYS A 343 -6.87 -32.41 21.15
N MET A 344 -7.51 -31.97 20.04
CA MET A 344 -8.91 -32.32 19.72
C MET A 344 -9.05 -33.80 19.28
N ASP A 345 -7.95 -34.44 18.84
CA ASP A 345 -7.97 -35.84 18.40
C ASP A 345 -8.09 -36.75 19.66
N LYS A 346 -9.31 -37.24 19.92
CA LYS A 346 -9.59 -38.05 21.13
C LYS A 346 -8.84 -39.40 21.13
N ASN A 347 -9.00 -40.23 20.09
CA ASN A 347 -8.38 -41.56 20.03
C ASN A 347 -6.93 -41.53 19.51
N GLY A 348 -6.57 -40.50 18.73
CA GLY A 348 -5.23 -40.38 18.16
C GLY A 348 -5.03 -41.07 16.82
N ASP A 349 -6.12 -41.17 16.01
CA ASP A 349 -6.06 -41.78 14.68
C ASP A 349 -5.63 -40.76 13.58
N GLY A 350 -5.40 -39.50 13.97
CA GLY A 350 -5.01 -38.44 13.05
C GLY A 350 -6.14 -37.89 12.19
N GLN A 351 -7.41 -38.22 12.54
CA GLN A 351 -8.58 -37.80 11.75
C GLN A 351 -9.63 -37.09 12.60
N LEU A 352 -10.37 -36.15 12.01
CA LEU A 352 -11.42 -35.40 12.70
C LEU A 352 -12.67 -35.17 11.80
N ASP A 353 -13.82 -34.88 12.43
CA ASP A 353 -15.07 -34.57 11.71
C ASP A 353 -15.04 -33.10 11.22
N ARG A 354 -16.06 -32.71 10.44
CA ARG A 354 -16.19 -31.35 9.87
C ARG A 354 -16.34 -30.30 10.99
N ALA A 355 -17.31 -30.49 11.92
CA ALA A 355 -17.57 -29.55 13.01
C ALA A 355 -16.34 -29.36 13.90
N GLU A 356 -15.56 -30.43 14.12
CA GLU A 356 -14.32 -30.36 14.89
C GLU A 356 -13.34 -29.43 14.18
N LEU A 357 -13.08 -29.68 12.88
CA LEU A 357 -12.18 -28.85 12.08
C LEU A 357 -12.62 -27.36 12.09
N ILE A 358 -13.94 -27.09 12.04
CA ILE A 358 -14.46 -25.71 12.12
C ILE A 358 -14.13 -25.10 13.49
N GLU A 359 -14.41 -25.86 14.58
CA GLU A 359 -14.15 -25.42 15.96
C GLU A 359 -12.66 -25.07 16.16
N GLY A 360 -11.76 -25.95 15.67
CA GLY A 360 -10.32 -25.74 15.76
C GLY A 360 -9.83 -24.59 14.91
N TYR A 361 -10.35 -24.47 13.68
CA TYR A 361 -9.98 -23.36 12.78
C TYR A 361 -10.47 -22.02 13.37
N LYS A 362 -11.69 -22.01 13.97
CA LYS A 362 -12.21 -20.83 14.67
C LYS A 362 -11.32 -20.49 15.87
N GLU A 363 -10.88 -21.54 16.62
CA GLU A 363 -9.99 -21.37 17.78
C GLU A 363 -8.65 -20.73 17.39
N LEU A 364 -8.15 -21.04 16.17
CA LEU A 364 -6.91 -20.43 15.65
C LEU A 364 -7.09 -18.93 15.54
N MET A 365 -8.21 -18.47 14.94
CA MET A 365 -8.50 -17.04 14.81
C MET A 365 -8.82 -16.37 16.19
N ARG A 366 -9.42 -17.11 17.13
N ARG A 366 -9.43 -17.11 17.14
CA ARG A 366 -9.72 -16.58 18.48
CA ARG A 366 -9.72 -16.55 18.48
C ARG A 366 -8.42 -16.18 19.21
C ARG A 366 -8.42 -16.18 19.20
N MET A 367 -7.38 -17.04 19.10
CA MET A 367 -6.08 -16.77 19.76
C MET A 367 -5.18 -15.86 18.91
N LYS A 368 -5.05 -16.15 17.59
CA LYS A 368 -4.16 -15.38 16.69
C LYS A 368 -4.82 -14.09 16.12
N GLY A 369 -6.11 -13.85 16.44
CA GLY A 369 -6.83 -12.67 15.97
C GLY A 369 -7.62 -12.96 14.72
N GLN A 370 -8.86 -12.41 14.64
CA GLN A 370 -9.76 -12.62 13.50
C GLN A 370 -9.12 -12.13 12.19
N ASP A 371 -9.18 -12.98 11.15
CA ASP A 371 -8.64 -12.67 9.83
C ASP A 371 -9.59 -11.67 9.15
N ALA A 372 -9.03 -10.78 8.31
CA ALA A 372 -9.84 -9.78 7.61
C ALA A 372 -10.83 -10.44 6.62
N SER A 373 -10.39 -11.54 5.96
CA SER A 373 -11.25 -12.29 5.03
C SER A 373 -12.32 -13.15 5.78
N MET A 374 -12.09 -13.46 7.08
CA MET A 374 -13.01 -14.26 7.89
C MET A 374 -13.75 -13.30 8.86
N LEU A 375 -14.74 -12.54 8.35
CA LEU A 375 -15.47 -11.54 9.14
C LEU A 375 -16.35 -12.17 10.24
N ASP A 376 -16.89 -13.37 10.03
CA ASP A 376 -17.74 -14.04 11.03
C ASP A 376 -17.72 -15.57 10.84
N ALA A 377 -18.42 -16.31 11.71
CA ALA A 377 -18.50 -17.78 11.69
C ALA A 377 -18.87 -18.34 10.31
N SER A 378 -19.86 -17.71 9.63
CA SER A 378 -20.29 -18.15 8.28
C SER A 378 -19.12 -18.11 7.26
N ALA A 379 -18.22 -17.10 7.38
CA ALA A 379 -17.05 -16.98 6.50
C ALA A 379 -16.04 -18.09 6.80
N VAL A 380 -15.88 -18.45 8.10
CA VAL A 380 -14.97 -19.52 8.53
C VAL A 380 -15.51 -20.88 8.07
N GLU A 381 -16.84 -21.10 8.22
CA GLU A 381 -17.47 -22.36 7.81
C GLU A 381 -17.32 -22.56 6.30
N HIS A 382 -17.45 -21.48 5.50
CA HIS A 382 -17.29 -21.56 4.05
C HIS A 382 -15.83 -21.85 3.66
N GLU A 383 -14.86 -21.26 4.39
CA GLU A 383 -13.43 -21.50 4.11
C GLU A 383 -13.09 -22.96 4.42
N VAL A 384 -13.62 -23.49 5.53
CA VAL A 384 -13.43 -24.89 5.91
C VAL A 384 -14.04 -25.78 4.81
N ASP A 385 -15.24 -25.42 4.29
CA ASP A 385 -15.87 -26.19 3.20
C ASP A 385 -15.01 -26.15 1.93
N GLN A 386 -14.43 -24.98 1.59
CA GLN A 386 -13.56 -24.86 0.40
C GLN A 386 -12.34 -25.79 0.51
N VAL A 387 -11.75 -25.92 1.72
CA VAL A 387 -10.62 -26.82 1.94
C VAL A 387 -11.09 -28.30 1.88
N LEU A 388 -12.24 -28.62 2.50
CA LEU A 388 -12.78 -29.99 2.50
C LEU A 388 -13.15 -30.45 1.07
N ASP A 389 -13.43 -29.52 0.13
CA ASP A 389 -13.70 -29.88 -1.26
C ASP A 389 -12.40 -30.34 -1.96
N ALA A 390 -11.23 -29.76 -1.58
CA ALA A 390 -9.94 -30.18 -2.12
C ALA A 390 -9.50 -31.51 -1.48
N VAL A 391 -9.73 -31.66 -0.16
CA VAL A 391 -9.42 -32.89 0.58
C VAL A 391 -10.68 -33.77 0.63
N TYR A 398 -14.72 -38.13 9.05
CA TYR A 398 -13.41 -38.74 9.23
C TYR A 398 -12.45 -38.26 8.11
N ILE A 399 -11.64 -37.23 8.40
CA ILE A 399 -10.69 -36.66 7.43
C ILE A 399 -9.33 -36.42 8.09
N GLU A 400 -8.22 -36.68 7.35
CA GLU A 400 -6.85 -36.49 7.84
C GLU A 400 -6.59 -34.99 8.06
N TYR A 401 -6.49 -34.55 9.33
CA TYR A 401 -6.36 -33.12 9.64
C TYR A 401 -5.02 -32.54 9.16
N SER A 402 -3.96 -33.36 9.04
CA SER A 402 -2.66 -32.87 8.54
C SER A 402 -2.78 -32.44 7.07
N GLU A 403 -3.65 -33.12 6.28
CA GLU A 403 -3.90 -32.76 4.88
C GLU A 403 -4.71 -31.46 4.83
N PHE A 404 -5.70 -31.31 5.75
CA PHE A 404 -6.52 -30.10 5.85
C PHE A 404 -5.63 -28.89 6.18
N VAL A 405 -4.66 -29.08 7.11
CA VAL A 405 -3.75 -28.00 7.52
C VAL A 405 -2.93 -27.54 6.32
N THR A 406 -2.30 -28.47 5.59
CA THR A 406 -1.46 -28.15 4.43
C THR A 406 -2.24 -27.31 3.41
N VAL A 407 -3.44 -27.76 3.01
CA VAL A 407 -4.24 -27.04 1.99
C VAL A 407 -4.72 -25.68 2.55
N ALA A 408 -5.26 -25.65 3.78
CA ALA A 408 -5.76 -24.39 4.38
C ALA A 408 -4.68 -23.32 4.45
N MET A 409 -3.46 -23.70 4.83
CA MET A 409 -2.34 -22.77 5.00
C MET A 409 -1.72 -22.37 3.64
N ASP A 410 -1.70 -23.28 2.64
CA ASP A 410 -1.21 -22.93 1.29
C ASP A 410 -2.16 -21.92 0.61
N ARG A 411 -3.48 -21.99 0.90
CA ARG A 411 -4.46 -21.04 0.36
C ARG A 411 -4.24 -19.64 0.95
N LYS A 412 -3.77 -19.56 2.21
CA LYS A 412 -3.49 -18.28 2.87
C LYS A 412 -2.27 -17.57 2.22
N THR A 413 -1.27 -18.34 1.73
CA THR A 413 -0.07 -17.76 1.11
C THR A 413 -0.17 -17.60 -0.41
N LEU A 414 -1.11 -18.32 -1.07
CA LEU A 414 -1.28 -18.31 -2.53
C LEU A 414 -1.11 -16.89 -3.14
N LEU A 415 -1.85 -15.90 -2.63
CA LEU A 415 -1.79 -14.52 -3.16
C LEU A 415 -0.39 -13.91 -3.06
N SER A 416 0.31 -14.14 -1.93
CA SER A 416 1.66 -13.58 -1.73
C SER A 416 2.71 -14.28 -2.63
N ARG A 417 2.58 -15.61 -2.87
CA ARG A 417 3.53 -16.32 -3.74
C ARG A 417 3.33 -15.90 -5.20
N GLU A 418 2.06 -15.81 -5.66
CA GLU A 418 1.75 -15.42 -7.04
C GLU A 418 2.08 -13.94 -7.28
N ARG A 419 1.87 -13.07 -6.27
CA ARG A 419 2.20 -11.64 -6.38
C ARG A 419 3.73 -11.47 -6.51
N LEU A 420 4.53 -12.38 -5.89
CA LEU A 420 6.00 -12.30 -5.98
C LEU A 420 6.47 -12.61 -7.38
N GLU A 421 5.99 -13.73 -7.96
CA GLU A 421 6.42 -14.11 -9.32
C GLU A 421 5.96 -13.08 -10.33
N ARG A 422 4.72 -12.57 -10.22
CA ARG A 422 4.21 -11.56 -11.14
C ARG A 422 5.07 -10.28 -11.06
N ALA A 423 5.41 -9.83 -9.85
CA ALA A 423 6.25 -8.63 -9.67
C ALA A 423 7.68 -8.88 -10.20
N PHE A 424 8.20 -10.11 -10.07
CA PHE A 424 9.52 -10.43 -10.64
C PHE A 424 9.44 -10.34 -12.17
N ARG A 425 8.38 -10.93 -12.77
CA ARG A 425 8.16 -10.91 -14.22
C ARG A 425 7.99 -9.48 -14.72
N MET A 426 7.24 -8.64 -13.98
CA MET A 426 7.01 -7.26 -14.40
C MET A 426 8.31 -6.44 -14.31
N PHE A 427 9.12 -6.67 -13.27
CA PHE A 427 10.42 -6.01 -13.07
C PHE A 427 11.40 -6.42 -14.17
N ASP A 428 11.39 -7.70 -14.55
CA ASP A 428 12.24 -8.23 -15.61
C ASP A 428 11.62 -7.81 -16.96
N SER A 429 11.69 -6.49 -17.27
CA SER A 429 11.04 -5.87 -18.44
C SER A 429 11.62 -6.35 -19.79
N ASP A 430 12.88 -6.83 -19.84
CA ASP A 430 13.47 -7.34 -21.09
C ASP A 430 13.26 -8.87 -21.26
N ASN A 431 12.51 -9.52 -20.33
CA ASN A 431 12.22 -10.97 -20.36
C ASN A 431 13.51 -11.81 -20.48
N SER A 432 14.58 -11.36 -19.82
CA SER A 432 15.85 -12.08 -19.80
C SER A 432 15.73 -13.31 -18.87
N GLY A 433 14.79 -13.26 -17.95
CA GLY A 433 14.55 -14.31 -16.98
C GLY A 433 15.37 -14.13 -15.72
N LYS A 434 16.28 -13.13 -15.71
CA LYS A 434 17.19 -12.91 -14.59
C LYS A 434 17.21 -11.45 -14.16
N ILE A 435 17.69 -11.17 -12.95
CA ILE A 435 17.95 -9.81 -12.47
C ILE A 435 19.39 -9.76 -12.03
N SER A 436 20.07 -8.66 -12.34
CA SER A 436 21.50 -8.52 -12.06
C SER A 436 21.77 -8.19 -10.60
N SER A 437 23.07 -8.22 -10.21
CA SER A 437 23.51 -7.86 -8.84
C SER A 437 23.18 -6.41 -8.52
N THR A 438 23.32 -5.50 -9.49
CA THR A 438 22.99 -4.08 -9.32
C THR A 438 21.48 -3.93 -9.04
N GLU A 439 20.65 -4.70 -9.75
CA GLU A 439 19.20 -4.66 -9.53
C GLU A 439 18.86 -5.26 -8.15
N LEU A 440 19.52 -6.37 -7.75
CA LEU A 440 19.33 -6.94 -6.41
C LEU A 440 19.65 -5.93 -5.34
N ALA A 441 20.76 -5.19 -5.50
CA ALA A 441 21.18 -4.16 -4.55
C ALA A 441 20.12 -3.07 -4.41
N THR A 442 19.54 -2.65 -5.55
CA THR A 442 18.47 -1.65 -5.58
C THR A 442 17.21 -2.19 -4.89
N ILE A 443 16.78 -3.42 -5.25
CA ILE A 443 15.59 -4.06 -4.68
C ILE A 443 15.75 -4.22 -3.16
N PHE A 444 16.91 -4.76 -2.71
CA PHE A 444 17.13 -5.01 -1.30
C PHE A 444 17.36 -3.72 -0.53
N GLY A 445 17.78 -2.66 -1.22
CA GLY A 445 17.90 -1.34 -0.63
C GLY A 445 16.55 -0.76 -0.28
N VAL A 446 15.59 -0.86 -1.21
CA VAL A 446 14.21 -0.40 -0.97
C VAL A 446 13.53 -1.32 0.08
N SER A 447 13.90 -2.63 0.11
CA SER A 447 13.37 -3.58 1.10
C SER A 447 14.08 -3.47 2.46
N ASP A 448 15.21 -2.74 2.52
CA ASP A 448 16.01 -2.51 3.72
C ASP A 448 16.69 -3.80 4.23
N VAL A 449 17.16 -4.64 3.30
CA VAL A 449 17.91 -5.84 3.65
C VAL A 449 19.38 -5.46 3.54
N ASP A 450 20.12 -5.58 4.67
CA ASP A 450 21.55 -5.25 4.73
C ASP A 450 22.32 -5.90 3.56
N SER A 451 23.25 -5.14 2.96
CA SER A 451 23.99 -5.58 1.78
C SER A 451 24.75 -6.91 2.02
N GLU A 452 25.51 -7.00 3.11
CA GLU A 452 26.28 -8.22 3.45
C GLU A 452 25.36 -9.39 3.81
N THR A 453 24.16 -9.11 4.32
CA THR A 453 23.22 -10.17 4.71
C THR A 453 22.69 -10.87 3.43
N TRP A 454 22.29 -10.12 2.38
CA TRP A 454 21.76 -10.78 1.17
C TRP A 454 22.89 -11.41 0.33
N LYS A 455 24.08 -10.80 0.27
CA LYS A 455 25.22 -11.38 -0.48
C LYS A 455 25.64 -12.73 0.15
N SER A 456 25.56 -12.87 1.48
CA SER A 456 25.88 -14.12 2.18
C SER A 456 24.87 -15.21 1.79
N VAL A 457 23.59 -14.84 1.72
CA VAL A 457 22.49 -15.74 1.36
C VAL A 457 22.62 -16.22 -0.10
N LEU A 458 23.02 -15.33 -1.03
CA LEU A 458 23.19 -15.70 -2.44
C LEU A 458 24.25 -16.82 -2.59
N SER A 459 25.36 -16.71 -1.85
CA SER A 459 26.46 -17.69 -1.90
C SER A 459 26.01 -19.09 -1.43
N GLU A 460 25.10 -19.17 -0.44
CA GLU A 460 24.59 -20.44 0.07
C GLU A 460 23.58 -21.07 -0.93
N VAL A 461 22.83 -20.23 -1.69
CA VAL A 461 21.85 -20.70 -2.67
C VAL A 461 22.57 -21.26 -3.90
N ASP A 462 23.49 -20.46 -4.49
CA ASP A 462 24.27 -20.83 -5.66
C ASP A 462 25.74 -20.44 -5.44
N LYS A 463 26.60 -21.44 -5.13
CA LYS A 463 28.02 -21.20 -4.87
C LYS A 463 28.75 -20.60 -6.09
N ASN A 464 28.42 -21.03 -7.33
CA ASN A 464 29.09 -20.50 -8.53
C ASN A 464 28.24 -19.39 -9.19
N ASN A 465 27.90 -18.33 -8.44
CA ASN A 465 27.07 -17.22 -8.95
C ASN A 465 27.86 -16.36 -9.98
N ASP A 466 27.14 -15.81 -10.98
CA ASP A 466 27.71 -15.00 -12.06
C ASP A 466 27.06 -13.59 -12.12
N GLY A 467 26.79 -13.01 -10.96
CA GLY A 467 26.23 -11.67 -10.85
C GLY A 467 24.78 -11.51 -11.28
N GLU A 468 24.01 -12.61 -11.32
CA GLU A 468 22.59 -12.55 -11.71
C GLU A 468 21.83 -13.77 -11.17
N VAL A 469 20.53 -13.60 -10.87
CA VAL A 469 19.70 -14.69 -10.36
C VAL A 469 18.41 -14.80 -11.16
N ASP A 470 17.88 -16.04 -11.30
CA ASP A 470 16.58 -16.27 -11.93
C ASP A 470 15.51 -16.22 -10.82
N PHE A 471 14.24 -16.43 -11.16
CA PHE A 471 13.16 -16.32 -10.17
C PHE A 471 13.32 -17.30 -9.01
N ASP A 472 13.60 -18.59 -9.28
CA ASP A 472 13.71 -19.59 -8.22
C ASP A 472 14.86 -19.27 -7.26
N GLU A 473 16.00 -18.82 -7.79
CA GLU A 473 17.15 -18.43 -6.97
C GLU A 473 16.77 -17.22 -6.10
N PHE A 474 16.05 -16.23 -6.68
CA PHE A 474 15.58 -15.07 -5.94
C PHE A 474 14.63 -15.49 -4.81
N GLN A 475 13.63 -16.36 -5.12
CA GLN A 475 12.71 -16.87 -4.08
C GLN A 475 13.50 -17.64 -3.01
N GLN A 476 14.51 -18.46 -3.44
CA GLN A 476 15.36 -19.19 -2.49
C GLN A 476 16.08 -18.21 -1.57
N MET A 477 16.55 -17.07 -2.11
CA MET A 477 17.22 -16.04 -1.28
C MET A 477 16.27 -15.51 -0.20
N LEU A 478 15.03 -15.17 -0.59
CA LEU A 478 14.04 -14.65 0.37
C LEU A 478 13.70 -15.68 1.44
N LEU A 479 13.54 -16.96 1.05
CA LEU A 479 13.25 -18.03 2.02
C LEU A 479 14.37 -18.11 3.05
N LYS A 480 15.65 -18.02 2.62
CA LYS A 480 16.78 -17.99 3.55
C LYS A 480 16.77 -16.71 4.40
N LEU A 481 16.37 -15.56 3.81
CA LEU A 481 16.30 -14.28 4.53
C LEU A 481 15.15 -14.23 5.57
N CYS A 482 14.35 -15.31 5.74
CA CYS A 482 13.32 -15.36 6.78
C CYS A 482 13.38 -16.74 7.53
N GLY A 483 14.59 -17.26 7.73
CA GLY A 483 14.83 -18.47 8.51
C GLY A 483 14.45 -19.80 7.89
N ASN A 484 14.59 -19.94 6.55
CA ASN A 484 14.30 -21.21 5.86
C ASN A 484 15.43 -21.53 4.88
#